data_1Y9M
#
_entry.id   1Y9M
#
_cell.length_a   64.816
_cell.length_b   82.131
_cell.length_c   136.219
_cell.angle_alpha   90.00
_cell.angle_beta   90.00
_cell.angle_gamma   90.00
#
_symmetry.space_group_name_H-M   'P 21 21 21'
#
loop_
_entity.id
_entity.type
_entity.pdbx_description
1 polymer exo-inulinase
2 branched alpha-D-mannopyranose-(1-3)-alpha-D-mannopyranose-(1-6)-alpha-D-mannopyranose-(1-4)-2-acetamido-2-deoxy-beta-D-glucopyranose-(1-4)-2-acetamido-2-deoxy-beta-D-glucopyranose
3 branched 2-acetamido-2-deoxy-beta-D-glucopyranose-(1-4)-2-acetamido-2-deoxy-beta-D-glucopyranose
4 non-polymer alpha-D-mannopyranose
5 non-polymer 2-acetamido-2-deoxy-beta-D-glucopyranose
6 non-polymer GLYCEROL
7 water water
#
_entity_poly.entity_id   1
_entity_poly.type   'polypeptide(L)'
_entity_poly.pdbx_seq_one_letter_code
;FNYDQPYRGQYHFSPQKNWMNDPNGLLYHNGTYHLFFQYNPGGIEWGNISWGHAISEDLTHWEEKPVALLARGFGSDVTE
MYFSGSAVADVNNTSGFGKDGKTPLVAMYTSYYPVAQTLPSGQTVQEDQQSQSIAYSLDDGLTWTTYDAANPVIPNPPSP
YEAEYQNFRDPFVFWHDESQKWVVVTSIAELHKLAIYTSDNLKDWKLVSEFGPYNAQGGVWECPGLVKLPLDSGNSTKWV
ITSGLNPGGPPGTVGSGTQYFVGEFDGTTFTPDADTVYPGNSTANWMDWGPDFYAAAGYNGLSLNDHVHIGWMNNWQYGA
NIPTYPWRSAMAIPRHMALKTIGSKATLVQQPQEAWSSISNKRPIYSRTFKTLSEGSTNTTTTGETFKVDLSFSAKSKAS
TFAIALRASANFTEQTLVGYDFAKQQIFLDRTHSGDVSFDETFASVYHGPLTPDSTGVVKLSIFVDRSSVEVFGGQGETT
LTAQIFPSSDAVHARLASTGGTTEDVRADIYKIASTWN
;
_entity_poly.pdbx_strand_id   A
#
loop_
_chem_comp.id
_chem_comp.type
_chem_comp.name
_chem_comp.formula
GOL non-polymer GLYCEROL 'C3 H8 O3'
MAN D-saccharide, alpha linking alpha-D-mannopyranose 'C6 H12 O6'
NAG D-saccharide, beta linking 2-acetamido-2-deoxy-beta-D-glucopyranose 'C8 H15 N O6'
#
# COMPACT_ATOMS: atom_id res chain seq x y z
N PHE A 1 17.44 -18.46 3.71
CA PHE A 1 17.19 -17.74 4.99
C PHE A 1 15.98 -18.34 5.70
N ASN A 2 16.06 -18.43 7.00
CA ASN A 2 14.97 -18.92 7.83
C ASN A 2 14.03 -17.76 8.19
N TYR A 3 12.82 -17.76 7.62
CA TYR A 3 11.80 -16.71 7.88
C TYR A 3 10.79 -17.09 8.98
N ASP A 4 11.14 -18.08 9.80
CA ASP A 4 10.26 -18.55 10.86
C ASP A 4 10.53 -17.84 12.18
N GLN A 5 10.04 -16.60 12.26
CA GLN A 5 10.05 -15.80 13.46
C GLN A 5 8.63 -15.50 13.84
N PRO A 6 8.38 -15.32 15.14
CA PRO A 6 7.08 -14.78 15.58
C PRO A 6 6.81 -13.48 14.85
N TYR A 7 5.54 -13.25 14.48
CA TYR A 7 5.12 -12.03 13.78
C TYR A 7 5.54 -11.91 12.30
N ARG A 8 6.37 -12.83 11.81
CA ARG A 8 6.82 -12.77 10.43
C ARG A 8 5.70 -13.23 9.48
N GLY A 9 5.13 -12.28 8.76
CA GLY A 9 4.13 -12.61 7.72
C GLY A 9 4.71 -13.62 6.75
N GLN A 10 3.96 -14.70 6.52
CA GLN A 10 4.44 -15.79 5.67
C GLN A 10 3.98 -15.61 4.22
N TYR A 11 3.03 -14.71 4.03
CA TYR A 11 2.60 -14.36 2.68
C TYR A 11 2.49 -12.85 2.50
N HIS A 12 3.40 -12.13 3.16
CA HIS A 12 3.56 -10.70 2.97
C HIS A 12 5.05 -10.44 2.83
N PHE A 13 5.45 -9.53 1.95
CA PHE A 13 6.88 -9.25 1.83
C PHE A 13 7.46 -8.51 3.04
N SER A 14 8.55 -9.04 3.57
CA SER A 14 9.42 -8.30 4.49
C SER A 14 10.89 -8.57 4.15
N PRO A 15 11.79 -7.63 4.48
CA PRO A 15 13.20 -7.90 4.23
C PRO A 15 13.71 -8.92 5.27
N GLN A 16 14.74 -9.68 4.90
CA GLN A 16 15.27 -10.65 5.85
C GLN A 16 15.58 -10.01 7.21
N LYS A 17 16.25 -8.85 7.17
CA LYS A 17 16.52 -8.10 8.39
C LYS A 17 16.37 -6.61 8.12
N ASN A 18 16.39 -5.83 9.20
CA ASN A 18 16.41 -4.35 9.11
C ASN A 18 15.07 -3.67 8.79
N TRP A 19 15.13 -2.33 8.75
CA TRP A 19 13.97 -1.47 8.54
C TRP A 19 13.57 -1.33 7.08
N MET A 20 12.27 -1.42 6.83
CA MET A 20 11.71 -1.15 5.52
C MET A 20 10.53 -0.18 5.63
N ASN A 21 10.48 0.81 4.73
CA ASN A 21 9.23 1.55 4.51
C ASN A 21 8.69 1.50 3.06
N ASP A 22 8.44 2.66 2.43
CA ASP A 22 7.62 2.75 1.19
C ASP A 22 8.03 1.74 0.12
N PRO A 23 7.04 1.12 -0.56
CA PRO A 23 7.38 0.39 -1.80
C PRO A 23 7.83 1.37 -2.89
N ASN A 24 8.77 0.91 -3.70
CA ASN A 24 9.41 1.75 -4.72
C ASN A 24 9.57 0.93 -6.00
N GLY A 25 9.63 1.64 -7.14
CA GLY A 25 10.13 1.05 -8.39
C GLY A 25 9.31 -0.14 -8.85
N LEU A 26 8.00 -0.06 -8.64
CA LEU A 26 7.12 -1.19 -8.94
C LEU A 26 7.00 -1.30 -10.44
N LEU A 27 7.54 -2.38 -10.97
CA LEU A 27 7.67 -2.60 -12.41
C LEU A 27 7.51 -4.05 -12.74
N TYR A 28 6.59 -4.34 -13.65
CA TYR A 28 6.48 -5.66 -14.23
C TYR A 28 7.16 -5.63 -15.58
N HIS A 29 8.14 -6.50 -15.75
CA HIS A 29 8.90 -6.53 -16.98
C HIS A 29 9.48 -7.90 -17.26
N ASN A 30 9.25 -8.39 -18.47
CA ASN A 30 9.78 -9.68 -18.90
C ASN A 30 9.41 -10.78 -17.90
N GLY A 31 8.13 -10.83 -17.53
CA GLY A 31 7.63 -11.85 -16.61
C GLY A 31 8.05 -11.69 -15.16
N THR A 32 8.66 -10.56 -14.79
CA THR A 32 9.14 -10.34 -13.41
C THR A 32 8.48 -9.10 -12.79
N TYR A 33 7.93 -9.26 -11.59
CA TYR A 33 7.43 -8.17 -10.78
C TYR A 33 8.59 -7.69 -9.90
N HIS A 34 9.04 -6.46 -10.09
CA HIS A 34 10.06 -5.91 -9.20
C HIS A 34 9.42 -5.25 -8.00
N LEU A 35 9.98 -5.48 -6.81
CA LEU A 35 9.56 -4.73 -5.61
C LEU A 35 10.80 -4.11 -5.02
N PHE A 36 10.97 -2.80 -5.23
CA PHE A 36 12.00 -2.06 -4.50
C PHE A 36 11.32 -1.43 -3.29
N PHE A 37 12.11 -0.94 -2.34
CA PHE A 37 11.55 -0.39 -1.11
C PHE A 37 12.57 0.43 -0.34
N GLN A 38 12.07 1.43 0.36
CA GLN A 38 12.88 2.25 1.27
C GLN A 38 13.42 1.31 2.32
N TYR A 39 14.73 1.38 2.55
CA TYR A 39 15.40 0.35 3.31
C TYR A 39 16.64 0.91 4.01
N ASN A 40 16.83 0.51 5.27
CA ASN A 40 18.07 0.80 6.02
C ASN A 40 19.00 -0.42 6.07
N PRO A 41 20.05 -0.43 5.22
CA PRO A 41 20.92 -1.60 5.24
C PRO A 41 21.75 -1.74 6.54
N GLY A 42 21.72 -0.74 7.42
CA GLY A 42 22.53 -0.77 8.63
C GLY A 42 21.79 -0.78 9.96
N GLY A 43 20.48 -1.03 9.95
CA GLY A 43 19.72 -1.01 11.20
C GLY A 43 18.23 -1.26 11.08
N ILE A 44 17.60 -1.43 12.25
CA ILE A 44 16.18 -1.82 12.38
C ILE A 44 15.19 -0.62 12.49
N GLU A 45 15.72 0.59 12.48
CA GLU A 45 14.89 1.79 12.43
C GLU A 45 15.26 2.57 11.18
N TRP A 46 14.44 3.56 10.84
CA TRP A 46 14.62 4.39 9.65
C TRP A 46 16.00 5.09 9.66
N GLY A 47 16.64 5.12 8.49
CA GLY A 47 17.93 5.79 8.35
C GLY A 47 18.72 5.15 7.23
N ASN A 48 19.87 5.73 6.88
CA ASN A 48 20.72 5.25 5.77
C ASN A 48 19.92 4.87 4.53
N ILE A 49 18.93 5.68 4.17
CA ILE A 49 17.87 5.21 3.26
C ILE A 49 18.36 4.87 1.85
N SER A 50 18.11 3.60 1.49
CA SER A 50 18.52 3.00 0.25
C SER A 50 17.31 2.34 -0.43
N TRP A 51 17.46 1.93 -1.69
CA TRP A 51 16.43 1.09 -2.33
C TRP A 51 16.84 -0.35 -2.21
N GLY A 52 16.14 -1.07 -1.34
CA GLY A 52 16.21 -2.52 -1.33
C GLY A 52 15.49 -3.10 -2.54
N HIS A 53 15.66 -4.41 -2.79
CA HIS A 53 15.11 -5.01 -4.00
C HIS A 53 14.70 -6.45 -3.78
N ALA A 54 13.49 -6.78 -4.22
CA ALA A 54 13.02 -8.17 -4.28
C ALA A 54 12.31 -8.41 -5.60
N ILE A 55 12.25 -9.68 -6.02
CA ILE A 55 11.58 -10.05 -7.27
C ILE A 55 10.69 -11.26 -7.04
N SER A 56 9.65 -11.36 -7.87
CA SER A 56 8.79 -12.53 -7.88
C SER A 56 8.24 -12.66 -9.29
N GLU A 57 7.75 -13.83 -9.63
CA GLU A 57 7.04 -13.99 -10.90
C GLU A 57 5.52 -13.92 -10.74
N ASP A 58 5.05 -13.83 -9.50
CA ASP A 58 3.63 -14.05 -9.20
C ASP A 58 3.10 -13.24 -8.02
N LEU A 59 3.89 -12.24 -7.58
CA LEU A 59 3.48 -11.30 -6.50
C LEU A 59 3.30 -12.02 -5.17
N THR A 60 3.89 -13.21 -5.06
CA THR A 60 3.58 -14.12 -3.97
C THR A 60 4.88 -14.70 -3.39
N HIS A 61 5.68 -15.32 -4.25
CA HIS A 61 6.95 -15.94 -3.84
C HIS A 61 8.11 -14.98 -4.13
N TRP A 62 8.45 -14.16 -3.13
CA TRP A 62 9.49 -13.14 -3.26
C TRP A 62 10.89 -13.68 -3.00
N GLU A 63 11.86 -13.20 -3.79
CA GLU A 63 13.26 -13.47 -3.54
C GLU A 63 13.97 -12.14 -3.35
N GLU A 64 14.53 -11.92 -2.16
CA GLU A 64 15.29 -10.70 -1.90
C GLU A 64 16.60 -10.70 -2.68
N LYS A 65 16.95 -9.54 -3.24
CA LYS A 65 18.15 -9.38 -4.06
C LYS A 65 19.13 -8.40 -3.39
N PRO A 66 20.34 -8.19 -3.98
CA PRO A 66 21.24 -7.19 -3.39
C PRO A 66 20.61 -5.79 -3.41
N VAL A 67 21.00 -4.94 -2.47
CA VAL A 67 20.55 -3.54 -2.45
C VAL A 67 20.77 -2.91 -3.83
N ALA A 68 19.77 -2.19 -4.30
CA ALA A 68 19.79 -1.65 -5.64
C ALA A 68 20.43 -0.26 -5.69
N LEU A 69 20.01 0.63 -4.79
CA LEU A 69 20.64 1.94 -4.66
C LEU A 69 21.07 2.14 -3.21
N LEU A 70 22.36 2.00 -2.96
CA LEU A 70 22.90 2.04 -1.60
C LEU A 70 23.30 3.46 -1.18
N ALA A 71 22.70 3.98 -0.08
CA ALA A 71 22.97 5.35 0.41
C ALA A 71 24.42 5.72 0.15
N ARG A 72 24.63 6.84 -0.54
CA ARG A 72 25.98 7.28 -0.91
C ARG A 72 26.74 7.65 0.37
N GLY A 73 27.89 6.99 0.57
CA GLY A 73 28.66 7.15 1.81
C GLY A 73 28.24 6.24 2.94
N PHE A 74 27.43 5.21 2.63
CA PHE A 74 27.01 4.22 3.63
C PHE A 74 28.26 3.65 4.31
N GLY A 75 28.22 3.55 5.64
CA GLY A 75 29.37 3.05 6.38
C GLY A 75 30.19 4.20 6.95
N SER A 76 30.00 5.39 6.38
CA SER A 76 30.59 6.59 6.95
C SER A 76 29.54 7.73 6.99
N ASP A 77 29.92 8.97 6.67
CA ASP A 77 28.93 10.03 6.65
C ASP A 77 28.17 9.99 5.33
N VAL A 78 26.87 9.81 5.42
CA VAL A 78 26.02 9.69 4.24
C VAL A 78 25.78 11.05 3.57
N THR A 79 25.98 11.12 2.25
CA THR A 79 25.87 12.39 1.51
C THR A 79 24.63 12.43 0.61
N GLU A 80 24.02 11.27 0.37
CA GLU A 80 22.81 11.20 -0.45
C GLU A 80 22.03 9.95 -0.07
N MET A 81 20.76 10.13 0.31
CA MET A 81 19.86 8.99 0.50
C MET A 81 18.91 8.86 -0.68
N TYR A 82 18.42 7.63 -0.88
CA TYR A 82 17.57 7.32 -2.02
C TYR A 82 16.15 7.19 -1.54
N PHE A 83 15.45 8.33 -1.53
CA PHE A 83 14.06 8.39 -1.06
C PHE A 83 13.14 7.82 -2.17
N SER A 84 11.82 7.91 -1.97
CA SER A 84 10.89 7.08 -2.76
C SER A 84 10.82 7.46 -4.24
N GLY A 85 10.35 6.52 -5.06
CA GLY A 85 10.20 6.75 -6.47
C GLY A 85 9.70 5.52 -7.20
N SER A 86 9.92 5.52 -8.50
CA SER A 86 9.26 4.59 -9.42
C SER A 86 10.24 4.13 -10.51
N ALA A 87 9.81 3.21 -11.37
CA ALA A 87 10.69 2.66 -12.40
C ALA A 87 9.90 2.28 -13.64
N VAL A 88 10.55 2.40 -14.78
CA VAL A 88 9.94 2.11 -16.07
C VAL A 88 10.93 1.32 -16.92
N ALA A 89 10.39 0.61 -17.92
CA ALA A 89 11.19 -0.02 -18.96
C ALA A 89 11.21 0.93 -20.16
N ASP A 90 12.37 1.51 -20.41
CA ASP A 90 12.56 2.48 -21.49
C ASP A 90 12.87 1.67 -22.75
N VAL A 91 11.86 0.95 -23.25
CA VAL A 91 12.02 0.02 -24.37
C VAL A 91 12.42 0.70 -25.71
N ASN A 92 12.08 1.97 -25.89
CA ASN A 92 12.52 2.70 -27.09
C ASN A 92 13.84 3.46 -26.90
N ASN A 93 14.51 3.27 -25.76
CA ASN A 93 15.76 3.97 -25.46
C ASN A 93 15.69 5.49 -25.61
N THR A 94 14.58 6.07 -25.15
CA THR A 94 14.40 7.52 -25.20
C THR A 94 15.44 8.26 -24.35
N SER A 95 16.01 7.56 -23.38
CA SER A 95 16.97 8.12 -22.42
C SER A 95 18.43 8.03 -22.88
N GLY A 96 18.70 7.14 -23.83
CA GLY A 96 20.05 6.94 -24.35
C GLY A 96 20.93 6.08 -23.46
N PHE A 97 20.36 5.54 -22.38
CA PHE A 97 21.15 4.71 -21.47
C PHE A 97 21.35 3.30 -22.00
N GLY A 98 20.60 2.92 -23.04
CA GLY A 98 20.73 1.60 -23.68
C GLY A 98 22.13 1.38 -24.26
N LYS A 99 22.58 0.12 -24.24
CA LYS A 99 23.95 -0.22 -24.62
C LYS A 99 23.99 -1.60 -25.24
N ASP A 100 24.60 -1.72 -26.42
CA ASP A 100 24.73 -3.01 -27.13
C ASP A 100 23.38 -3.70 -27.37
N GLY A 101 22.39 -2.93 -27.84
CA GLY A 101 21.06 -3.46 -28.14
C GLY A 101 20.16 -3.68 -26.92
N LYS A 102 20.76 -3.72 -25.73
CA LYS A 102 20.01 -3.87 -24.48
C LYS A 102 19.38 -2.55 -24.06
N THR A 103 18.06 -2.54 -23.89
CA THR A 103 17.38 -1.34 -23.45
C THR A 103 17.34 -1.23 -21.91
N PRO A 104 17.35 0.02 -21.42
CA PRO A 104 17.51 0.20 -19.99
C PRO A 104 16.18 0.23 -19.21
N LEU A 105 16.24 -0.21 -17.97
CA LEU A 105 15.23 0.15 -16.98
C LEU A 105 15.69 1.46 -16.34
N VAL A 106 14.76 2.37 -16.10
CA VAL A 106 15.12 3.67 -15.52
C VAL A 106 14.30 3.92 -14.26
N ALA A 107 14.99 4.19 -13.17
CA ALA A 107 14.35 4.55 -11.90
C ALA A 107 14.37 6.06 -11.72
N MET A 108 13.27 6.61 -11.23
CA MET A 108 13.22 8.01 -10.88
C MET A 108 12.88 8.15 -9.40
N TYR A 109 13.67 8.94 -8.68
CA TYR A 109 13.59 8.93 -7.22
C TYR A 109 13.96 10.28 -6.66
N THR A 110 13.62 10.47 -5.40
CA THR A 110 14.02 11.66 -4.69
C THR A 110 15.39 11.42 -4.07
N SER A 111 16.35 12.26 -4.47
CA SER A 111 17.63 12.34 -3.79
C SER A 111 17.40 13.22 -2.58
N TYR A 112 17.80 12.73 -1.40
CA TYR A 112 17.80 13.56 -0.20
C TYR A 112 19.25 13.80 0.19
N TYR A 113 19.64 15.08 0.29
CA TYR A 113 21.03 15.45 0.59
C TYR A 113 21.15 15.96 2.03
N PRO A 114 21.72 15.14 2.96
CA PRO A 114 21.85 15.62 4.34
C PRO A 114 22.80 16.84 4.51
N VAL A 115 23.75 17.01 3.61
CA VAL A 115 24.71 18.12 3.67
C VAL A 115 24.72 18.97 2.39
N ALA A 116 25.05 20.26 2.54
CA ALA A 116 25.30 21.10 1.37
C ALA A 116 26.54 20.57 0.66
N GLN A 117 26.50 20.55 -0.68
CA GLN A 117 27.57 19.98 -1.48
C GLN A 117 27.46 20.38 -2.94
N THR A 118 28.55 20.21 -3.67
CA THR A 118 28.56 20.31 -5.13
C THR A 118 28.63 18.91 -5.70
N LEU A 119 27.71 18.63 -6.61
CA LEU A 119 27.50 17.30 -7.16
C LEU A 119 28.35 17.14 -8.41
N PRO A 120 28.58 15.88 -8.85
CA PRO A 120 29.33 15.66 -10.09
C PRO A 120 28.76 16.35 -11.32
N SER A 121 27.46 16.62 -11.32
CA SER A 121 26.81 17.37 -12.38
C SER A 121 27.23 18.84 -12.43
N GLY A 122 27.82 19.33 -11.34
CA GLY A 122 28.19 20.73 -11.20
C GLY A 122 27.14 21.51 -10.43
N GLN A 123 25.95 20.93 -10.28
CA GLN A 123 24.91 21.57 -9.47
C GLN A 123 25.30 21.63 -8.01
N THR A 124 24.82 22.66 -7.32
CA THR A 124 25.07 22.82 -5.89
C THR A 124 23.77 22.57 -5.13
N VAL A 125 23.84 21.84 -4.02
CA VAL A 125 22.60 21.58 -3.26
C VAL A 125 22.68 22.06 -1.83
N GLN A 126 21.54 22.47 -1.27
CA GLN A 126 21.43 22.91 0.12
C GLN A 126 21.28 21.75 1.11
N GLU A 127 21.61 22.01 2.37
CA GLU A 127 21.36 21.04 3.43
C GLU A 127 19.91 20.63 3.46
N ASP A 128 19.68 19.32 3.53
CA ASP A 128 18.34 18.73 3.63
C ASP A 128 17.46 18.93 2.40
N GLN A 129 18.08 19.29 1.26
CA GLN A 129 17.33 19.43 0.00
C GLN A 129 16.80 18.06 -0.45
N GLN A 130 15.61 18.10 -1.05
CA GLN A 130 15.01 16.99 -1.78
C GLN A 130 14.88 17.40 -3.24
N SER A 131 15.42 16.57 -4.13
CA SER A 131 15.36 16.78 -5.58
C SER A 131 15.07 15.45 -6.27
N GLN A 132 14.71 15.49 -7.55
CA GLN A 132 14.39 14.28 -8.31
C GLN A 132 15.55 13.93 -9.24
N SER A 133 15.95 12.68 -9.16
CA SER A 133 17.10 12.16 -9.87
C SER A 133 16.72 10.88 -10.60
N ILE A 134 17.60 10.41 -11.47
CA ILE A 134 17.39 9.13 -12.14
C ILE A 134 18.60 8.22 -12.11
N ALA A 135 18.34 6.92 -12.23
CA ALA A 135 19.35 5.86 -12.35
C ALA A 135 18.87 4.89 -13.43
N TYR A 136 19.78 4.04 -13.90
CA TYR A 136 19.44 3.06 -14.93
C TYR A 136 20.12 1.70 -14.70
N SER A 137 19.47 0.66 -15.21
CA SER A 137 19.97 -0.71 -15.10
C SER A 137 20.00 -1.37 -16.47
N LEU A 138 21.10 -2.07 -16.77
CA LEU A 138 21.21 -2.80 -18.03
C LEU A 138 21.19 -4.31 -17.82
N ASP A 139 20.93 -4.73 -16.58
CA ASP A 139 20.89 -6.16 -16.28
C ASP A 139 19.55 -6.52 -15.65
N ASP A 140 18.48 -5.93 -16.16
CA ASP A 140 17.12 -6.25 -15.75
C ASP A 140 16.85 -5.97 -14.28
N GLY A 141 17.42 -4.86 -13.80
CA GLY A 141 17.10 -4.33 -12.46
C GLY A 141 18.01 -4.84 -11.35
N LEU A 142 18.96 -5.72 -11.69
CA LEU A 142 19.87 -6.29 -10.68
C LEU A 142 20.84 -5.26 -10.09
N THR A 143 21.52 -4.52 -10.96
CA THR A 143 22.43 -3.45 -10.50
C THR A 143 22.06 -2.14 -11.20
N TRP A 144 22.41 -1.03 -10.58
CA TRP A 144 21.96 0.27 -11.04
C TRP A 144 23.11 1.28 -11.09
N THR A 145 23.06 2.19 -12.08
CA THR A 145 24.02 3.29 -12.19
C THR A 145 23.28 4.62 -12.10
N THR A 146 23.66 5.44 -11.12
CA THR A 146 23.03 6.75 -10.95
C THR A 146 23.52 7.73 -12.03
N TYR A 147 22.64 8.60 -12.50
CA TYR A 147 22.96 9.53 -13.60
C TYR A 147 23.78 10.73 -13.05
N ASP A 148 25.01 10.46 -12.65
CA ASP A 148 25.84 11.45 -11.95
C ASP A 148 26.09 12.67 -12.84
N ALA A 149 26.17 12.44 -14.14
CA ALA A 149 26.48 13.51 -15.10
C ALA A 149 25.52 14.68 -14.99
N ALA A 150 24.24 14.40 -14.73
CA ALA A 150 23.19 15.43 -14.77
C ALA A 150 22.31 15.52 -13.51
N ASN A 151 22.37 14.53 -12.62
CA ASN A 151 21.50 14.54 -11.43
C ASN A 151 21.75 15.77 -10.53
N PRO A 152 20.68 16.30 -9.91
CA PRO A 152 19.29 15.87 -10.06
C PRO A 152 18.69 16.45 -11.34
N VAL A 153 17.77 15.71 -11.97
CA VAL A 153 17.11 16.19 -13.20
C VAL A 153 15.95 17.18 -12.94
N ILE A 154 15.37 17.15 -11.74
CA ILE A 154 14.44 18.20 -11.30
C ILE A 154 14.92 18.70 -9.93
N PRO A 155 15.88 19.65 -9.92
CA PRO A 155 16.43 20.14 -8.66
C PRO A 155 15.44 20.82 -7.71
N ASN A 156 14.53 21.63 -8.24
CA ASN A 156 13.78 22.59 -7.41
C ASN A 156 12.27 22.45 -7.50
N PRO A 157 11.54 22.79 -6.41
CA PRO A 157 10.09 22.86 -6.59
C PRO A 157 9.73 23.96 -7.58
N PRO A 158 8.56 23.88 -8.21
CA PRO A 158 8.24 24.93 -9.15
C PRO A 158 7.98 26.27 -8.46
N SER A 159 8.28 27.36 -9.16
CA SER A 159 7.92 28.70 -8.69
C SER A 159 6.40 28.77 -8.48
N PRO A 160 5.93 29.43 -7.39
CA PRO A 160 6.61 30.18 -6.33
C PRO A 160 6.87 29.37 -5.04
N TYR A 161 7.15 28.09 -5.17
CA TYR A 161 7.30 27.21 -4.01
C TYR A 161 8.74 26.81 -3.76
N GLU A 162 9.69 27.61 -4.26
CA GLU A 162 11.12 27.38 -4.05
C GLU A 162 11.49 27.19 -2.57
N ALA A 163 10.75 27.82 -1.67
CA ALA A 163 10.99 27.68 -0.24
C ALA A 163 10.72 26.24 0.26
N GLU A 164 10.06 25.44 -0.56
CA GLU A 164 9.71 24.06 -0.18
C GLU A 164 10.81 23.09 -0.57
N TYR A 165 12.04 23.60 -0.73
CA TYR A 165 13.17 22.81 -1.22
C TYR A 165 13.46 21.54 -0.40
N GLN A 166 13.02 21.52 0.86
CA GLN A 166 13.26 20.37 1.74
C GLN A 166 12.14 19.31 1.71
N ASN A 167 11.04 19.63 1.04
CA ASN A 167 9.86 18.75 1.03
C ASN A 167 9.25 18.74 -0.36
N PHE A 168 9.84 17.91 -1.22
CA PHE A 168 9.53 17.90 -2.63
C PHE A 168 9.96 16.51 -3.10
N ARG A 169 9.03 15.58 -3.19
CA ARG A 169 9.43 14.18 -3.24
C ARG A 169 8.44 13.20 -3.89
N ASP A 170 8.95 11.98 -4.11
CA ASP A 170 8.15 10.78 -4.42
C ASP A 170 7.63 10.78 -5.85
N PRO A 171 8.56 10.86 -6.83
CA PRO A 171 8.19 10.90 -8.23
C PRO A 171 7.59 9.58 -8.70
N PHE A 172 6.38 9.63 -9.25
CA PHE A 172 5.78 8.50 -9.94
C PHE A 172 5.77 8.81 -11.42
N VAL A 173 6.67 8.16 -12.15
CA VAL A 173 6.82 8.36 -13.60
C VAL A 173 6.21 7.17 -14.36
N PHE A 174 5.60 7.46 -15.50
CA PHE A 174 5.03 6.43 -16.36
C PHE A 174 4.94 6.94 -17.80
N TRP A 175 4.81 6.00 -18.74
CA TRP A 175 4.58 6.34 -20.15
C TRP A 175 3.10 6.59 -20.44
N HIS A 176 2.80 7.80 -20.90
CA HIS A 176 1.45 8.14 -21.31
C HIS A 176 1.28 7.91 -22.82
N ASP A 177 0.66 6.79 -23.18
CA ASP A 177 0.52 6.39 -24.59
C ASP A 177 -0.09 7.46 -25.52
N GLU A 178 -1.15 8.13 -25.05
CA GLU A 178 -1.94 9.06 -25.87
C GLU A 178 -1.15 10.29 -26.31
N SER A 179 -0.36 10.86 -25.40
CA SER A 179 0.42 12.05 -25.71
C SER A 179 1.85 11.70 -26.10
N GLN A 180 2.16 10.40 -26.07
CA GLN A 180 3.52 9.91 -26.36
C GLN A 180 4.59 10.64 -25.55
N LYS A 181 4.37 10.72 -24.24
CA LYS A 181 5.29 11.40 -23.34
C LYS A 181 5.42 10.64 -22.03
N TRP A 182 6.57 10.81 -21.38
CA TRP A 182 6.74 10.39 -19.99
C TRP A 182 6.06 11.42 -19.12
N VAL A 183 5.34 10.95 -18.10
CA VAL A 183 4.66 11.85 -17.18
C VAL A 183 5.12 11.45 -15.80
N VAL A 184 5.50 12.44 -14.99
CA VAL A 184 5.85 12.22 -13.61
C VAL A 184 4.98 13.06 -12.67
N VAL A 185 4.56 12.46 -11.56
CA VAL A 185 3.81 13.17 -10.52
C VAL A 185 4.68 13.24 -9.29
N THR A 186 4.85 14.44 -8.75
CA THR A 186 5.67 14.67 -7.56
C THR A 186 4.80 15.34 -6.51
N SER A 187 5.25 15.33 -5.26
CA SER A 187 4.50 15.97 -4.18
C SER A 187 5.26 17.09 -3.53
N ILE A 188 4.65 18.28 -3.52
CA ILE A 188 5.13 19.37 -2.69
C ILE A 188 4.51 19.13 -1.31
N ALA A 189 5.16 18.28 -0.52
CA ALA A 189 4.50 17.56 0.59
C ALA A 189 3.76 18.44 1.61
N GLU A 190 4.40 19.54 1.99
CA GLU A 190 3.86 20.40 3.05
C GLU A 190 2.68 21.23 2.58
N LEU A 191 2.63 21.52 1.29
CA LEU A 191 1.55 22.34 0.74
C LEU A 191 0.39 21.51 0.25
N HIS A 192 0.49 20.19 0.44
CA HIS A 192 -0.57 19.24 0.04
C HIS A 192 -0.95 19.46 -1.43
N LYS A 193 0.07 19.57 -2.27
CA LYS A 193 -0.19 19.69 -3.69
C LYS A 193 0.85 18.94 -4.51
N LEU A 194 0.41 18.41 -5.64
CA LEU A 194 1.23 17.60 -6.52
C LEU A 194 1.62 18.45 -7.74
N ALA A 195 2.83 18.25 -8.25
CA ALA A 195 3.23 18.92 -9.48
C ALA A 195 3.54 17.88 -10.55
N ILE A 196 2.97 18.06 -11.72
CA ILE A 196 3.11 17.11 -12.82
C ILE A 196 4.02 17.71 -13.90
N TYR A 197 4.98 16.90 -14.37
CA TYR A 197 5.95 17.27 -15.42
C TYR A 197 5.89 16.22 -16.53
N THR A 198 6.28 16.64 -17.74
CA THR A 198 6.40 15.72 -18.86
C THR A 198 7.82 15.76 -19.44
N SER A 199 8.18 14.71 -20.15
CA SER A 199 9.49 14.60 -20.77
C SER A 199 9.48 13.64 -21.96
N ASP A 200 10.34 13.94 -22.94
CA ASP A 200 10.55 13.05 -24.08
C ASP A 200 11.68 12.07 -23.84
N ASN A 201 12.55 12.38 -22.88
CA ASN A 201 13.81 11.65 -22.72
C ASN A 201 14.18 11.16 -21.31
N LEU A 202 13.27 11.40 -20.35
CA LEU A 202 13.45 11.08 -18.91
C LEU A 202 14.46 11.99 -18.18
N LYS A 203 15.05 12.91 -18.93
CA LYS A 203 16.13 13.78 -18.42
C LYS A 203 15.72 15.26 -18.35
N ASP A 204 15.03 15.72 -19.38
CA ASP A 204 14.60 17.12 -19.46
C ASP A 204 13.11 17.16 -19.18
N TRP A 205 12.73 17.90 -18.13
CA TRP A 205 11.36 17.91 -17.63
C TRP A 205 10.72 19.29 -17.73
N LYS A 206 9.45 19.28 -18.10
CA LYS A 206 8.67 20.49 -18.24
C LYS A 206 7.44 20.44 -17.33
N LEU A 207 7.30 21.43 -16.44
CA LEU A 207 6.13 21.56 -15.57
C LEU A 207 4.86 21.79 -16.38
N VAL A 208 3.87 20.91 -16.21
CA VAL A 208 2.64 21.00 -17.01
C VAL A 208 1.38 21.34 -16.20
N SER A 209 1.31 20.90 -14.94
CA SER A 209 0.17 21.19 -14.09
C SER A 209 0.45 20.93 -12.61
N GLU A 210 -0.48 21.39 -11.77
CA GLU A 210 -0.47 21.14 -10.33
C GLU A 210 -1.86 20.66 -9.93
N PHE A 211 -1.93 19.79 -8.91
CA PHE A 211 -3.20 19.26 -8.43
C PHE A 211 -3.30 19.41 -6.92
N GLY A 212 -4.43 19.96 -6.46
CA GLY A 212 -4.70 20.06 -5.02
C GLY A 212 -4.26 21.37 -4.40
N PRO A 213 -4.43 21.55 -3.08
CA PRO A 213 -5.04 20.54 -2.17
C PRO A 213 -6.54 20.37 -2.31
N TYR A 214 -7.00 19.14 -2.11
CA TYR A 214 -8.42 18.80 -1.91
C TYR A 214 -8.50 17.77 -0.79
N ASN A 215 -9.68 17.67 -0.19
CA ASN A 215 -9.99 16.59 0.77
C ASN A 215 -9.01 16.50 1.93
N ALA A 216 -8.51 15.30 2.24
CA ALA A 216 -7.72 15.14 3.46
C ALA A 216 -6.40 15.91 3.41
N GLN A 217 -6.17 16.76 4.40
CA GLN A 217 -5.02 17.68 4.43
C GLN A 217 -4.39 17.74 5.81
N GLY A 218 -4.72 16.75 6.65
CA GLY A 218 -4.26 16.71 8.02
C GLY A 218 -2.84 16.19 8.23
N GLY A 219 -2.08 16.07 7.13
CA GLY A 219 -0.71 15.61 7.21
C GLY A 219 0.00 15.88 5.91
N VAL A 220 1.30 15.63 5.85
CA VAL A 220 2.03 15.92 4.60
C VAL A 220 1.61 14.93 3.50
N TRP A 221 1.53 15.41 2.26
CA TRP A 221 1.14 14.56 1.15
C TRP A 221 2.36 13.80 0.61
N GLU A 222 2.19 12.50 0.37
CA GLU A 222 3.28 11.65 -0.09
C GLU A 222 2.80 10.62 -1.10
N CYS A 223 3.76 10.03 -1.81
CA CYS A 223 3.51 8.86 -2.66
C CYS A 223 2.33 9.04 -3.63
N PRO A 224 2.38 10.08 -4.47
CA PRO A 224 1.31 10.24 -5.44
C PRO A 224 1.40 9.19 -6.54
N GLY A 225 0.26 8.86 -7.12
CA GLY A 225 0.21 7.94 -8.24
C GLY A 225 -0.94 8.39 -9.13
N LEU A 226 -0.93 7.95 -10.38
CA LEU A 226 -1.94 8.29 -11.36
C LEU A 226 -2.03 7.13 -12.32
N VAL A 227 -3.25 6.60 -12.48
CA VAL A 227 -3.47 5.42 -13.32
C VAL A 227 -4.89 5.39 -13.89
N LYS A 228 -5.02 4.83 -15.08
CA LYS A 228 -6.32 4.63 -15.70
C LYS A 228 -6.87 3.26 -15.35
N LEU A 229 -8.08 3.25 -14.81
CA LEU A 229 -8.72 2.04 -14.31
C LEU A 229 -10.03 1.77 -15.04
N PRO A 230 -10.38 0.48 -15.23
CA PRO A 230 -11.67 0.17 -15.84
C PRO A 230 -12.80 0.45 -14.87
N LEU A 231 -13.92 0.91 -15.43
CA LEU A 231 -15.13 1.16 -14.65
C LEU A 231 -16.18 0.11 -15.03
N ASP A 232 -16.69 -0.62 -14.04
CA ASP A 232 -17.69 -1.66 -14.26
C ASP A 232 -17.22 -2.71 -15.27
N SER A 233 -18.08 -3.20 -16.15
CA SER A 233 -17.70 -4.31 -17.03
C SER A 233 -17.65 -3.97 -18.53
N GLY A 234 -18.01 -2.74 -18.88
CA GLY A 234 -17.97 -2.29 -20.27
C GLY A 234 -16.65 -1.64 -20.66
N ASN A 235 -16.72 -0.58 -21.46
CA ASN A 235 -15.52 0.04 -22.01
C ASN A 235 -15.07 1.31 -21.31
N SER A 236 -15.91 1.85 -20.44
CA SER A 236 -15.59 3.13 -19.80
C SER A 236 -14.45 3.00 -18.80
N THR A 237 -13.76 4.11 -18.60
CA THR A 237 -12.59 4.15 -17.74
C THR A 237 -12.59 5.46 -17.00
N LYS A 238 -11.78 5.54 -15.95
CA LYS A 238 -11.51 6.77 -15.23
C LYS A 238 -10.04 6.76 -14.85
N TRP A 239 -9.46 7.94 -14.69
CA TRP A 239 -8.13 8.07 -14.07
C TRP A 239 -8.26 8.26 -12.57
N VAL A 240 -7.31 7.71 -11.83
CA VAL A 240 -7.32 7.75 -10.37
C VAL A 240 -5.96 8.21 -9.84
N ILE A 241 -5.98 9.26 -9.04
CA ILE A 241 -4.84 9.65 -8.23
C ILE A 241 -4.98 8.99 -6.85
N THR A 242 -3.94 8.27 -6.45
CA THR A 242 -3.78 7.79 -5.08
C THR A 242 -2.67 8.64 -4.45
N SER A 243 -2.84 9.01 -3.19
CA SER A 243 -1.82 9.77 -2.49
C SER A 243 -1.97 9.51 -1.00
N GLY A 244 -0.85 9.45 -0.28
CA GLY A 244 -0.94 9.24 1.14
C GLY A 244 -0.79 10.55 1.87
N LEU A 245 -1.13 10.54 3.15
CA LEU A 245 -0.79 11.65 4.03
C LEU A 245 -0.41 11.14 5.41
N ASN A 246 0.48 11.86 6.08
CA ASN A 246 0.91 11.53 7.41
C ASN A 246 1.12 12.80 8.24
N PRO A 247 0.42 12.93 9.40
CA PRO A 247 -0.67 12.05 9.85
C PRO A 247 -1.97 12.37 9.10
N GLY A 248 -3.11 12.30 9.78
CA GLY A 248 -4.38 12.63 9.15
C GLY A 248 -4.99 11.52 8.30
N GLY A 249 -4.71 10.28 8.67
CA GLY A 249 -5.31 9.09 8.02
C GLY A 249 -6.80 8.94 8.28
N PRO A 250 -7.37 7.80 7.87
CA PRO A 250 -8.83 7.68 7.92
C PRO A 250 -9.44 7.84 9.31
N PRO A 251 -10.71 8.24 9.36
CA PRO A 251 -11.41 8.45 10.61
C PRO A 251 -11.29 7.23 11.53
N GLY A 252 -11.05 7.47 12.81
CA GLY A 252 -10.88 6.38 13.77
C GLY A 252 -9.43 5.93 13.91
N THR A 253 -8.57 6.42 13.02
CA THR A 253 -7.14 6.15 13.10
C THR A 253 -6.35 7.39 13.50
N VAL A 254 -5.15 7.14 14.02
CA VAL A 254 -4.16 8.18 14.35
C VAL A 254 -2.87 7.82 13.60
N GLY A 255 -2.47 8.69 12.68
CA GLY A 255 -1.27 8.46 11.89
C GLY A 255 -1.54 8.51 10.41
N SER A 256 -0.81 7.69 9.66
CA SER A 256 -0.78 7.77 8.20
C SER A 256 -1.87 6.93 7.52
N GLY A 257 -2.21 7.30 6.28
CA GLY A 257 -3.19 6.55 5.51
C GLY A 257 -3.23 7.02 4.08
N THR A 258 -4.11 6.41 3.29
CA THR A 258 -4.07 6.57 1.83
C THR A 258 -5.44 7.01 1.34
N GLN A 259 -5.47 8.10 0.58
CA GLN A 259 -6.72 8.58 -0.04
C GLN A 259 -6.65 8.50 -1.57
N TYR A 260 -7.77 8.77 -2.24
CA TYR A 260 -7.78 8.72 -3.70
C TYR A 260 -8.77 9.73 -4.29
N PHE A 261 -8.60 9.99 -5.58
CA PHE A 261 -9.43 10.94 -6.32
C PHE A 261 -9.77 10.33 -7.67
N VAL A 262 -11.03 10.43 -8.08
CA VAL A 262 -11.48 9.88 -9.37
C VAL A 262 -11.69 11.04 -10.35
N GLY A 263 -11.19 10.89 -11.57
CA GLY A 263 -11.31 11.97 -12.55
C GLY A 263 -10.82 11.62 -13.95
N GLU A 264 -10.36 12.65 -14.65
CA GLU A 264 -9.87 12.51 -16.01
C GLU A 264 -8.47 13.10 -16.12
N PHE A 265 -7.68 12.59 -17.07
CA PHE A 265 -6.31 13.06 -17.31
C PHE A 265 -6.07 13.16 -18.82
N ASP A 266 -5.63 14.32 -19.29
CA ASP A 266 -5.46 14.56 -20.73
C ASP A 266 -3.99 14.53 -21.19
N GLY A 267 -3.10 14.09 -20.30
CA GLY A 267 -1.69 14.04 -20.62
C GLY A 267 -0.93 15.15 -19.93
N THR A 268 -1.66 16.18 -19.49
CA THR A 268 -1.03 17.26 -18.73
C THR A 268 -1.75 17.61 -17.44
N THR A 269 -3.08 17.60 -17.46
CA THR A 269 -3.89 18.00 -16.33
C THR A 269 -4.79 16.86 -15.83
N PHE A 270 -4.79 16.64 -14.51
CA PHE A 270 -5.78 15.76 -13.89
C PHE A 270 -6.96 16.59 -13.37
N THR A 271 -8.13 16.33 -13.95
CA THR A 271 -9.36 17.00 -13.56
C THR A 271 -10.14 16.05 -12.66
N PRO A 272 -10.30 16.41 -11.38
CA PRO A 272 -11.09 15.55 -10.49
C PRO A 272 -12.58 15.68 -10.85
N ASP A 273 -13.31 14.57 -10.83
CA ASP A 273 -14.77 14.65 -10.96
C ASP A 273 -15.32 15.56 -9.86
N ALA A 274 -16.41 16.26 -10.16
CA ALA A 274 -17.05 17.15 -9.20
C ALA A 274 -17.41 16.43 -7.90
N ASP A 275 -17.79 15.17 -8.01
CA ASP A 275 -18.23 14.39 -6.83
C ASP A 275 -17.14 13.53 -6.17
N THR A 276 -15.87 13.77 -6.53
CA THR A 276 -14.76 13.10 -5.86
C THR A 276 -14.11 14.02 -4.82
N VAL A 277 -14.40 15.32 -4.91
CA VAL A 277 -13.87 16.31 -3.99
C VAL A 277 -15.02 16.87 -3.13
N TYR A 278 -14.73 17.12 -1.85
CA TYR A 278 -15.75 17.50 -0.87
C TYR A 278 -15.33 18.79 -0.18
N PRO A 279 -16.29 19.70 0.09
CA PRO A 279 -15.95 20.94 0.79
C PRO A 279 -15.18 20.71 2.08
N GLY A 280 -14.18 21.54 2.34
CA GLY A 280 -13.38 21.44 3.56
C GLY A 280 -12.06 20.73 3.37
N ASN A 281 -11.51 20.20 4.46
CA ASN A 281 -10.18 19.60 4.45
C ASN A 281 -10.07 18.28 5.24
N SER A 282 -11.21 17.61 5.36
CA SER A 282 -11.29 16.39 6.16
C SER A 282 -11.88 15.21 5.39
N THR A 283 -13.13 15.35 4.92
CA THR A 283 -13.82 14.30 4.14
C THR A 283 -13.02 13.91 2.91
N ALA A 284 -12.91 12.61 2.67
CA ALA A 284 -12.04 12.08 1.62
C ALA A 284 -12.48 10.71 1.19
N ASN A 285 -11.94 10.27 0.04
CA ASN A 285 -12.09 8.90 -0.40
C ASN A 285 -10.91 8.09 0.12
N TRP A 286 -11.20 7.13 1.00
CA TRP A 286 -10.13 6.38 1.63
C TRP A 286 -9.86 5.11 0.86
N MET A 287 -8.60 4.87 0.52
CA MET A 287 -8.27 3.61 -0.14
C MET A 287 -8.40 2.47 0.86
N ASP A 288 -8.11 2.75 2.13
CA ASP A 288 -8.20 1.76 3.21
C ASP A 288 -8.63 2.48 4.50
N TRP A 289 -9.57 1.87 5.24
CA TRP A 289 -10.16 2.46 6.43
C TRP A 289 -9.42 2.04 7.70
N GLY A 290 -8.40 1.21 7.52
CA GLY A 290 -7.60 0.74 8.65
C GLY A 290 -6.38 1.62 8.85
N PRO A 291 -5.62 1.35 9.93
CA PRO A 291 -4.44 2.13 10.30
C PRO A 291 -3.13 1.74 9.60
N ASP A 292 -3.08 0.57 8.97
CA ASP A 292 -1.83 0.10 8.44
C ASP A 292 -1.80 -0.04 6.91
N PHE A 293 -2.10 1.03 6.20
CA PHE A 293 -2.01 0.99 4.73
C PHE A 293 -1.52 2.31 4.15
N TYR A 294 -0.23 2.39 3.88
CA TYR A 294 0.40 3.69 3.55
C TYR A 294 1.38 3.56 2.40
N ALA A 295 1.71 4.70 1.79
CA ALA A 295 2.68 4.77 0.71
C ALA A 295 2.32 3.80 -0.43
N ALA A 296 1.02 3.67 -0.71
CA ALA A 296 0.53 2.75 -1.71
C ALA A 296 0.98 3.27 -3.09
N ALA A 297 1.68 2.42 -3.83
CA ALA A 297 2.23 2.76 -5.15
C ALA A 297 1.73 1.75 -6.18
N GLY A 298 1.57 2.21 -7.41
CA GLY A 298 1.13 1.33 -8.51
C GLY A 298 2.27 0.77 -9.33
N TYR A 299 2.03 -0.41 -9.90
CA TYR A 299 2.96 -1.07 -10.81
C TYR A 299 2.95 -0.41 -12.18
N ASN A 300 4.14 -0.14 -12.73
CA ASN A 300 4.26 0.13 -14.17
C ASN A 300 4.34 -1.21 -14.91
N GLY A 301 3.98 -1.23 -16.19
CA GLY A 301 4.17 -2.46 -16.99
C GLY A 301 2.97 -3.39 -17.04
N LEU A 302 1.84 -2.94 -16.50
CA LEU A 302 0.61 -3.75 -16.47
C LEU A 302 -0.51 -3.12 -17.27
N SER A 303 -1.38 -3.95 -17.84
CA SER A 303 -2.48 -3.47 -18.70
C SER A 303 -3.70 -2.98 -17.92
N LEU A 304 -4.66 -2.39 -18.64
CA LEU A 304 -5.87 -1.83 -18.06
C LEU A 304 -6.56 -2.68 -16.98
N ASN A 305 -6.75 -3.97 -17.26
CA ASN A 305 -7.50 -4.84 -16.36
C ASN A 305 -6.63 -5.57 -15.36
N ASP A 306 -5.34 -5.25 -15.33
CA ASP A 306 -4.37 -6.01 -14.52
C ASP A 306 -3.62 -5.14 -13.49
N HIS A 307 -4.08 -3.92 -13.26
CA HIS A 307 -3.37 -2.98 -12.38
C HIS A 307 -3.30 -3.45 -10.93
N VAL A 308 -2.12 -3.26 -10.33
CA VAL A 308 -1.84 -3.68 -8.94
C VAL A 308 -1.13 -2.54 -8.20
N HIS A 309 -1.62 -2.21 -7.00
CA HIS A 309 -0.93 -1.32 -6.05
C HIS A 309 -0.35 -2.17 -4.94
N ILE A 310 0.82 -1.78 -4.44
CA ILE A 310 1.36 -2.37 -3.23
C ILE A 310 1.44 -1.23 -2.18
N GLY A 311 1.05 -1.56 -0.95
CA GLY A 311 1.14 -0.63 0.18
C GLY A 311 2.03 -1.13 1.29
N TRP A 312 2.55 -0.18 2.08
CA TRP A 312 3.34 -0.48 3.26
C TRP A 312 2.40 -0.78 4.41
N MET A 313 2.52 -1.97 5.01
CA MET A 313 1.61 -2.41 6.08
C MET A 313 2.12 -2.01 7.45
N ASN A 314 2.16 -0.70 7.65
CA ASN A 314 2.58 -0.10 8.92
C ASN A 314 2.01 1.32 8.98
N ASN A 315 2.29 2.00 10.09
CA ASN A 315 1.79 3.33 10.37
C ASN A 315 2.93 4.13 11.03
N TRP A 316 3.17 5.35 10.55
CA TRP A 316 4.25 6.18 11.11
C TRP A 316 4.08 6.51 12.60
N GLN A 317 2.85 6.49 13.09
CA GLN A 317 2.60 6.77 14.52
C GLN A 317 3.40 5.83 15.42
N TYR A 318 3.38 4.55 15.10
CA TYR A 318 3.99 3.54 15.96
C TYR A 318 4.91 2.57 15.22
N GLY A 319 5.19 2.85 13.95
CA GLY A 319 5.90 1.91 13.07
C GLY A 319 7.30 1.55 13.54
N ALA A 320 7.98 2.51 14.16
CA ALA A 320 9.32 2.31 14.73
C ALA A 320 9.30 1.36 15.92
N ASN A 321 8.13 1.18 16.51
CA ASN A 321 8.02 0.50 17.78
C ASN A 321 7.32 -0.86 17.75
N ILE A 322 6.96 -1.36 16.58
CA ILE A 322 6.37 -2.70 16.52
C ILE A 322 7.40 -3.76 16.98
N PRO A 323 6.95 -4.80 17.76
CA PRO A 323 7.93 -5.70 18.39
C PRO A 323 8.43 -6.78 17.47
N THR A 324 9.01 -6.39 16.33
CA THR A 324 9.53 -7.34 15.34
C THR A 324 11.06 -7.47 15.40
N TYR A 325 11.56 -8.68 15.14
CA TYR A 325 13.00 -8.90 15.08
C TYR A 325 13.31 -10.11 14.19
N PRO A 326 14.37 -10.04 13.33
CA PRO A 326 15.37 -8.99 13.08
C PRO A 326 15.00 -7.93 12.02
N TRP A 327 13.78 -8.01 11.49
CA TRP A 327 13.28 -7.07 10.48
C TRP A 327 12.30 -6.14 11.17
N ARG A 328 11.97 -5.05 10.50
CA ARG A 328 10.82 -4.26 10.92
C ARG A 328 10.03 -3.76 9.71
N SER A 329 8.77 -4.20 9.62
CA SER A 329 7.75 -3.76 8.61
C SER A 329 7.55 -4.79 7.48
N ALA A 330 6.33 -4.85 6.96
CA ALA A 330 5.99 -5.71 5.82
C ALA A 330 5.15 -4.90 4.86
N MET A 331 5.04 -5.37 3.61
CA MET A 331 4.09 -4.81 2.68
C MET A 331 2.78 -5.56 2.88
N ALA A 332 1.68 -4.93 2.47
CA ALA A 332 0.36 -5.54 2.56
C ALA A 332 0.13 -6.53 1.39
N ILE A 333 -0.98 -7.25 1.39
CA ILE A 333 -1.32 -8.10 0.23
C ILE A 333 -1.39 -7.15 -0.96
N PRO A 334 -0.73 -7.49 -2.09
CA PRO A 334 -0.87 -6.66 -3.30
C PRO A 334 -2.35 -6.49 -3.70
N ARG A 335 -2.71 -5.31 -4.22
CA ARG A 335 -4.12 -4.98 -4.40
C ARG A 335 -4.42 -4.76 -5.87
N HIS A 336 -5.25 -5.63 -6.45
CA HIS A 336 -5.74 -5.43 -7.82
C HIS A 336 -6.63 -4.20 -7.81
N MET A 337 -6.52 -3.36 -8.83
CA MET A 337 -7.19 -2.07 -8.82
C MET A 337 -8.22 -1.96 -9.95
N ALA A 338 -9.45 -1.58 -9.59
CA ALA A 338 -10.51 -1.35 -10.59
C ALA A 338 -11.56 -0.43 -9.98
N LEU A 339 -12.49 0.03 -10.80
CA LEU A 339 -13.60 0.85 -10.33
C LEU A 339 -14.90 0.11 -10.59
N LYS A 340 -15.86 0.28 -9.68
CA LYS A 340 -17.24 -0.17 -9.86
C LYS A 340 -18.18 0.95 -9.46
N THR A 341 -19.32 1.04 -10.14
CA THR A 341 -20.34 2.02 -9.79
C THR A 341 -21.16 1.46 -8.63
N ILE A 342 -20.98 2.07 -7.46
CA ILE A 342 -21.64 1.64 -6.23
C ILE A 342 -22.34 2.85 -5.63
N GLY A 343 -23.64 2.72 -5.44
CA GLY A 343 -24.45 3.83 -4.94
C GLY A 343 -24.29 5.03 -5.84
N SER A 344 -24.37 4.78 -7.16
CA SER A 344 -24.36 5.83 -8.16
C SER A 344 -23.04 6.56 -8.36
N LYS A 345 -21.98 6.12 -7.70
CA LYS A 345 -20.68 6.75 -7.87
C LYS A 345 -19.56 5.76 -8.13
N ALA A 346 -18.59 6.20 -8.93
CA ALA A 346 -17.42 5.40 -9.26
C ALA A 346 -16.59 5.20 -7.98
N THR A 347 -16.41 3.94 -7.61
CA THR A 347 -15.79 3.59 -6.34
C THR A 347 -14.65 2.63 -6.58
N LEU A 348 -13.52 2.84 -5.91
CA LEU A 348 -12.37 1.96 -6.00
C LEU A 348 -12.71 0.61 -5.36
N VAL A 349 -12.43 -0.46 -6.09
CA VAL A 349 -12.60 -1.82 -5.57
C VAL A 349 -11.27 -2.56 -5.71
N GLN A 350 -10.86 -3.24 -4.65
CA GLN A 350 -9.59 -3.96 -4.65
C GLN A 350 -9.84 -5.43 -4.51
N GLN A 351 -8.94 -6.22 -5.07
CA GLN A 351 -8.99 -7.65 -4.88
C GLN A 351 -7.61 -8.11 -4.41
N PRO A 352 -7.58 -9.12 -3.52
CA PRO A 352 -6.30 -9.56 -2.97
C PRO A 352 -5.52 -10.29 -4.05
N GLN A 353 -4.44 -9.66 -4.53
CA GLN A 353 -3.71 -10.22 -5.66
C GLN A 353 -2.48 -11.03 -5.24
N GLU A 354 -2.68 -12.31 -4.91
CA GLU A 354 -1.57 -13.28 -4.85
C GLU A 354 -1.98 -14.56 -5.59
N ALA A 355 -1.03 -15.50 -5.76
CA ALA A 355 -1.33 -16.77 -6.41
C ALA A 355 -1.84 -17.78 -5.35
N TRP A 356 -3.08 -17.57 -4.93
CA TRP A 356 -3.63 -18.21 -3.73
C TRP A 356 -3.66 -19.71 -3.84
N SER A 357 -3.95 -20.23 -5.04
CA SER A 357 -3.98 -21.69 -5.22
C SER A 357 -2.62 -22.34 -4.95
N SER A 358 -1.53 -21.59 -5.09
CA SER A 358 -0.19 -22.12 -4.85
C SER A 358 0.11 -22.31 -3.36
N ILE A 359 -0.69 -21.68 -2.49
CA ILE A 359 -0.42 -21.74 -1.05
C ILE A 359 -1.67 -22.02 -0.19
N SER A 360 -2.82 -22.20 -0.85
CA SER A 360 -4.08 -22.37 -0.12
C SER A 360 -5.02 -23.26 -0.90
N ASN A 361 -5.48 -24.34 -0.29
CA ASN A 361 -6.35 -25.24 -0.98
C ASN A 361 -7.79 -24.78 -0.90
N LYS A 362 -8.60 -25.13 -1.90
CA LYS A 362 -10.03 -24.83 -1.84
C LYS A 362 -10.86 -25.76 -0.92
N ARG A 363 -10.28 -26.84 -0.38
CA ARG A 363 -10.94 -27.60 0.70
C ARG A 363 -10.82 -26.80 2.00
N PRO A 364 -11.94 -26.27 2.53
CA PRO A 364 -11.84 -25.49 3.78
C PRO A 364 -11.40 -26.37 4.96
N ILE A 365 -10.65 -25.81 5.89
CA ILE A 365 -10.32 -26.52 7.14
C ILE A 365 -11.50 -26.44 8.12
N TYR A 366 -12.39 -25.48 7.88
CA TYR A 366 -13.57 -25.26 8.71
C TYR A 366 -14.69 -24.70 7.85
N SER A 367 -15.88 -25.31 7.94
CA SER A 367 -17.01 -24.89 7.14
C SER A 367 -18.33 -25.07 7.90
N ARG A 368 -19.15 -24.02 7.94
CA ARG A 368 -20.46 -24.05 8.59
C ARG A 368 -21.47 -23.23 7.82
N THR A 369 -22.74 -23.65 7.90
CA THR A 369 -23.85 -22.80 7.48
C THR A 369 -24.86 -22.74 8.62
N PHE A 370 -25.51 -21.59 8.80
CA PHE A 370 -26.59 -21.47 9.80
C PHE A 370 -27.73 -20.68 9.20
N LYS A 371 -28.91 -21.29 9.09
CA LYS A 371 -30.09 -20.49 8.71
C LYS A 371 -30.32 -19.41 9.79
N THR A 372 -30.12 -19.80 11.05
CA THR A 372 -30.24 -18.88 12.19
C THR A 372 -29.12 -19.24 13.18
N LEU A 373 -28.07 -18.43 13.19
CA LEU A 373 -26.98 -18.59 14.16
C LEU A 373 -27.46 -18.02 15.49
N SER A 374 -27.43 -18.84 16.52
CA SER A 374 -27.84 -18.44 17.87
C SER A 374 -27.06 -17.25 18.38
N GLU A 375 -27.73 -16.43 19.20
CA GLU A 375 -27.05 -15.41 19.98
C GLU A 375 -25.91 -16.05 20.79
N GLY A 376 -24.79 -15.34 20.94
CA GLY A 376 -23.64 -15.85 21.69
C GLY A 376 -22.50 -16.35 20.81
N SER A 377 -21.71 -17.26 21.34
CA SER A 377 -20.49 -17.72 20.68
C SER A 377 -20.57 -19.18 20.25
N THR A 378 -19.98 -19.51 19.09
CA THR A 378 -19.82 -20.90 18.69
C THR A 378 -18.61 -21.52 19.38
N ASN A 379 -18.50 -22.84 19.31
CA ASN A 379 -17.35 -23.50 19.90
C ASN A 379 -16.06 -23.21 19.14
N THR A 380 -14.95 -23.25 19.87
CA THR A 380 -13.61 -23.00 19.34
C THR A 380 -13.22 -23.93 18.16
N THR A 381 -12.60 -23.33 17.15
CA THR A 381 -11.85 -24.08 16.15
C THR A 381 -10.42 -23.55 16.06
N THR A 382 -9.48 -24.41 15.69
CA THR A 382 -8.09 -24.01 15.59
C THR A 382 -7.74 -23.69 14.13
N THR A 383 -7.20 -22.49 13.92
CA THR A 383 -6.92 -22.00 12.58
C THR A 383 -5.43 -21.94 12.26
N GLY A 384 -4.59 -21.98 13.30
CA GLY A 384 -3.20 -21.59 13.17
C GLY A 384 -3.09 -20.10 12.87
N GLU A 385 -1.92 -19.64 12.44
CA GLU A 385 -1.65 -18.20 12.32
C GLU A 385 -1.91 -17.60 10.92
N THR A 386 -2.00 -18.46 9.91
CA THR A 386 -2.04 -18.01 8.52
C THR A 386 -3.23 -18.67 7.79
N PHE A 387 -4.24 -17.86 7.46
CA PHE A 387 -5.50 -18.40 6.93
C PHE A 387 -6.36 -17.29 6.34
N LYS A 388 -7.34 -17.70 5.53
CA LYS A 388 -8.35 -16.81 5.01
C LYS A 388 -9.69 -17.29 5.56
N VAL A 389 -10.57 -16.35 5.90
CA VAL A 389 -11.93 -16.66 6.31
C VAL A 389 -12.87 -15.93 5.37
N ASP A 390 -13.81 -16.64 4.75
CA ASP A 390 -14.90 -15.97 4.03
C ASP A 390 -16.16 -16.06 4.87
N LEU A 391 -16.85 -14.93 5.02
CA LEU A 391 -18.12 -14.88 5.74
C LEU A 391 -19.16 -14.25 4.83
N SER A 392 -20.38 -14.77 4.86
CA SER A 392 -21.50 -14.06 4.26
C SER A 392 -22.71 -14.24 5.18
N PHE A 393 -23.61 -13.26 5.18
CA PHE A 393 -24.73 -13.27 6.13
C PHE A 393 -25.76 -12.22 5.76
N SER A 394 -26.98 -12.37 6.27
CA SER A 394 -28.07 -11.49 5.90
C SER A 394 -28.00 -10.16 6.64
N ALA A 395 -28.13 -9.08 5.89
CA ALA A 395 -28.25 -7.74 6.46
C ALA A 395 -29.51 -7.61 7.32
N LYS A 396 -30.46 -8.53 7.13
CA LYS A 396 -31.72 -8.56 7.87
C LYS A 396 -31.63 -9.19 9.26
N SER A 397 -30.42 -9.57 9.67
CA SER A 397 -30.20 -10.22 10.95
C SER A 397 -30.76 -9.39 12.10
N LYS A 398 -31.19 -10.08 13.15
CA LYS A 398 -31.73 -9.47 14.36
C LYS A 398 -30.64 -8.98 15.32
N ALA A 399 -29.45 -9.59 15.25
CA ALA A 399 -28.31 -9.19 16.06
C ALA A 399 -27.93 -7.71 15.91
N SER A 400 -27.28 -7.16 16.95
CA SER A 400 -26.58 -5.87 16.85
C SER A 400 -25.37 -5.98 15.93
N THR A 401 -24.55 -6.98 16.22
CA THR A 401 -23.32 -7.23 15.47
C THR A 401 -23.13 -8.72 15.26
N PHE A 402 -22.48 -9.05 14.15
CA PHE A 402 -22.00 -10.40 13.90
C PHE A 402 -20.50 -10.28 13.64
N ALA A 403 -19.72 -11.15 14.25
CA ALA A 403 -18.25 -11.06 14.17
C ALA A 403 -17.61 -12.42 14.22
N ILE A 404 -16.35 -12.48 13.79
CA ILE A 404 -15.46 -13.59 14.07
C ILE A 404 -14.33 -13.15 15.01
N ALA A 405 -14.07 -13.97 16.02
CA ALA A 405 -12.94 -13.81 16.91
C ALA A 405 -11.77 -14.55 16.29
N LEU A 406 -10.69 -13.81 15.99
CA LEU A 406 -9.54 -14.32 15.28
C LEU A 406 -8.30 -14.27 16.17
N ARG A 407 -7.33 -15.14 15.89
CA ARG A 407 -6.07 -15.20 16.66
C ARG A 407 -6.33 -15.02 18.15
N ALA A 408 -7.15 -15.93 18.68
CA ALA A 408 -7.59 -15.86 20.07
C ALA A 408 -6.89 -16.90 20.94
N SER A 409 -6.57 -16.53 22.18
CA SER A 409 -6.15 -17.50 23.19
C SER A 409 -7.32 -18.46 23.49
N ALA A 410 -7.03 -19.57 24.15
CA ALA A 410 -8.05 -20.62 24.40
C ALA A 410 -9.31 -20.11 25.07
N ASN A 411 -9.16 -19.13 25.96
CA ASN A 411 -10.30 -18.52 26.66
C ASN A 411 -10.84 -17.23 26.04
N PHE A 412 -10.29 -16.86 24.87
CA PHE A 412 -10.75 -15.69 24.10
C PHE A 412 -10.63 -14.32 24.80
N THR A 413 -9.85 -14.25 25.89
CA THR A 413 -9.54 -12.93 26.50
C THR A 413 -8.59 -12.14 25.60
N GLU A 414 -7.70 -12.87 24.92
CA GLU A 414 -6.94 -12.33 23.81
C GLU A 414 -7.63 -12.74 22.50
N GLN A 415 -7.85 -11.78 21.61
CA GLN A 415 -8.56 -12.00 20.35
C GLN A 415 -8.59 -10.71 19.53
N THR A 416 -8.79 -10.85 18.22
CA THR A 416 -9.05 -9.73 17.33
C THR A 416 -10.43 -9.99 16.72
N LEU A 417 -11.35 -9.04 16.86
CA LEU A 417 -12.69 -9.19 16.28
C LEU A 417 -12.87 -8.46 14.94
N VAL A 418 -13.36 -9.18 13.94
CA VAL A 418 -13.76 -8.57 12.68
C VAL A 418 -15.24 -8.83 12.49
N GLY A 419 -16.01 -7.76 12.28
CA GLY A 419 -17.44 -7.95 12.25
C GLY A 419 -18.18 -6.87 11.51
N TYR A 420 -19.49 -6.89 11.69
CA TYR A 420 -20.36 -6.01 10.96
C TYR A 420 -21.40 -5.52 11.94
N ASP A 421 -21.60 -4.21 11.93
CA ASP A 421 -22.60 -3.53 12.75
C ASP A 421 -23.81 -3.36 11.83
N PHE A 422 -24.88 -4.10 12.12
CA PHE A 422 -26.07 -4.12 11.24
C PHE A 422 -26.77 -2.76 11.14
N ALA A 423 -26.96 -2.09 12.27
CA ALA A 423 -27.61 -0.77 12.26
C ALA A 423 -26.82 0.29 11.52
N LYS A 424 -25.50 0.32 11.72
CA LYS A 424 -24.64 1.35 11.15
C LYS A 424 -24.12 1.00 9.76
N GLN A 425 -24.26 -0.27 9.39
CA GLN A 425 -23.74 -0.80 8.13
C GLN A 425 -22.25 -0.51 7.99
N GLN A 426 -21.51 -1.00 8.98
CA GLN A 426 -20.08 -0.80 9.06
C GLN A 426 -19.36 -2.10 9.40
N ILE A 427 -18.24 -2.32 8.72
CA ILE A 427 -17.27 -3.29 9.17
C ILE A 427 -16.56 -2.71 10.37
N PHE A 428 -16.24 -3.55 11.35
CA PHE A 428 -15.35 -3.11 12.41
C PHE A 428 -14.22 -4.11 12.59
N LEU A 429 -13.06 -3.60 12.99
CA LEU A 429 -11.95 -4.44 13.39
C LEU A 429 -11.49 -3.95 14.76
N ASP A 430 -11.65 -4.81 15.76
CA ASP A 430 -11.35 -4.46 17.13
C ASP A 430 -10.08 -5.20 17.52
N ARG A 431 -8.96 -4.47 17.64
CA ARG A 431 -7.69 -5.05 18.07
C ARG A 431 -7.26 -4.61 19.50
N THR A 432 -8.23 -4.20 20.31
CA THR A 432 -7.95 -3.68 21.65
C THR A 432 -7.32 -4.74 22.55
N HIS A 433 -7.69 -6.00 22.32
CA HIS A 433 -7.13 -7.11 23.11
C HIS A 433 -6.43 -8.15 22.21
N SER A 434 -5.81 -7.64 21.15
CA SER A 434 -5.22 -8.48 20.08
C SER A 434 -3.90 -9.15 20.43
N GLY A 435 -3.30 -8.80 21.57
CA GLY A 435 -2.00 -9.34 21.97
C GLY A 435 -1.13 -8.24 22.56
N ASP A 436 0.13 -8.16 22.13
CA ASP A 436 0.98 -7.02 22.51
C ASP A 436 0.44 -5.72 21.90
N VAL A 437 -0.14 -4.88 22.77
CA VAL A 437 -0.61 -3.54 22.43
C VAL A 437 0.12 -2.46 23.25
N SER A 438 1.24 -2.83 23.88
CA SER A 438 1.89 -1.97 24.90
C SER A 438 2.75 -0.83 24.37
N PHE A 439 3.04 -0.84 23.07
CA PHE A 439 4.08 0.04 22.50
C PHE A 439 3.58 1.39 21.98
N ASP A 440 2.27 1.60 21.94
CA ASP A 440 1.69 2.90 21.57
C ASP A 440 0.32 3.03 22.18
N GLU A 441 0.04 4.22 22.74
CA GLU A 441 -1.28 4.49 23.34
C GLU A 441 -2.46 4.40 22.37
N THR A 442 -2.21 4.54 21.07
CA THR A 442 -3.31 4.54 20.09
C THR A 442 -3.53 3.18 19.39
N PHE A 443 -2.67 2.21 19.66
CA PHE A 443 -2.70 0.91 18.96
C PHE A 443 -3.95 0.08 19.32
N ALA A 444 -4.30 0.04 20.61
CA ALA A 444 -5.45 -0.75 21.09
C ALA A 444 -6.76 -0.02 20.81
N SER A 445 -7.25 -0.24 19.59
CA SER A 445 -8.33 0.57 19.06
C SER A 445 -9.27 -0.28 18.23
N VAL A 446 -10.46 0.27 17.98
CA VAL A 446 -11.43 -0.32 17.07
C VAL A 446 -11.55 0.58 15.84
N TYR A 447 -11.49 -0.04 14.66
CA TYR A 447 -11.52 0.66 13.40
C TYR A 447 -12.83 0.34 12.67
N HIS A 448 -13.27 1.24 11.80
CA HIS A 448 -14.55 1.07 11.12
C HIS A 448 -14.46 1.54 9.67
N GLY A 449 -15.25 0.92 8.80
CA GLY A 449 -15.38 1.38 7.43
C GLY A 449 -16.79 1.09 6.97
N PRO A 450 -17.31 1.89 6.02
CA PRO A 450 -18.68 1.71 5.54
C PRO A 450 -18.79 0.47 4.64
N LEU A 451 -19.89 -0.28 4.78
CA LEU A 451 -20.17 -1.36 3.85
C LEU A 451 -21.67 -1.64 3.80
N THR A 452 -22.27 -1.37 2.65
CA THR A 452 -23.68 -1.64 2.44
C THR A 452 -23.79 -3.11 1.97
N PRO A 453 -24.94 -3.77 2.22
CA PRO A 453 -25.15 -5.11 1.68
C PRO A 453 -25.31 -5.05 0.16
N ASP A 454 -25.18 -6.20 -0.51
CA ASP A 454 -25.47 -6.23 -1.95
C ASP A 454 -26.98 -6.11 -2.24
N SER A 455 -27.35 -6.30 -3.51
CA SER A 455 -28.74 -6.18 -3.95
C SER A 455 -29.69 -7.21 -3.32
N THR A 456 -29.15 -8.37 -2.94
CA THR A 456 -29.97 -9.39 -2.28
C THR A 456 -29.99 -9.27 -0.76
N GLY A 457 -29.29 -8.26 -0.23
CA GLY A 457 -29.23 -8.05 1.23
C GLY A 457 -28.19 -8.92 1.90
N VAL A 458 -27.23 -9.42 1.11
CA VAL A 458 -26.17 -10.27 1.66
C VAL A 458 -24.94 -9.39 1.92
N VAL A 459 -24.35 -9.54 3.09
CA VAL A 459 -23.10 -8.87 3.42
C VAL A 459 -21.97 -9.89 3.29
N LYS A 460 -20.89 -9.55 2.56
CA LYS A 460 -19.76 -10.47 2.42
C LYS A 460 -18.46 -9.85 2.93
N LEU A 461 -17.71 -10.66 3.68
CA LEU A 461 -16.36 -10.30 4.16
C LEU A 461 -15.38 -11.42 3.80
N SER A 462 -14.20 -11.03 3.31
CA SER A 462 -13.12 -11.96 3.09
C SER A 462 -11.94 -11.46 3.92
N ILE A 463 -11.46 -12.30 4.84
CA ILE A 463 -10.49 -11.86 5.84
C ILE A 463 -9.19 -12.66 5.74
N PHE A 464 -8.07 -11.96 5.57
CA PHE A 464 -6.76 -12.59 5.51
C PHE A 464 -5.96 -12.33 6.77
N VAL A 465 -5.59 -13.41 7.44
CA VAL A 465 -4.81 -13.33 8.68
C VAL A 465 -3.44 -13.93 8.39
N ASP A 466 -2.39 -13.22 8.83
CA ASP A 466 -1.01 -13.70 8.71
C ASP A 466 -0.39 -13.42 10.09
N ARG A 467 0.87 -13.78 10.30
CA ARG A 467 1.44 -13.80 11.65
C ARG A 467 1.27 -12.51 12.46
N SER A 468 1.35 -11.36 11.79
CA SER A 468 1.06 -10.07 12.46
C SER A 468 0.13 -9.13 11.70
N SER A 469 -0.91 -9.67 11.06
CA SER A 469 -1.80 -8.82 10.25
C SER A 469 -3.17 -9.42 10.00
N VAL A 470 -4.15 -8.53 9.88
CA VAL A 470 -5.48 -8.86 9.39
C VAL A 470 -5.82 -7.86 8.29
N GLU A 471 -6.27 -8.37 7.14
CA GLU A 471 -6.79 -7.55 6.08
C GLU A 471 -8.21 -8.02 5.74
N VAL A 472 -9.16 -7.08 5.75
CA VAL A 472 -10.57 -7.35 5.47
C VAL A 472 -10.93 -6.76 4.11
N PHE A 473 -11.48 -7.58 3.22
CA PHE A 473 -12.07 -7.08 1.95
C PHE A 473 -13.58 -7.22 2.04
N GLY A 474 -14.28 -6.08 2.13
CA GLY A 474 -15.73 -6.11 2.25
C GLY A 474 -16.42 -6.02 0.90
N GLY A 475 -17.51 -6.77 0.75
CA GLY A 475 -18.35 -6.73 -0.45
C GLY A 475 -17.61 -7.20 -1.68
N GLN A 476 -17.59 -6.36 -2.71
CA GLN A 476 -16.83 -6.62 -3.95
C GLN A 476 -15.39 -6.14 -3.83
N GLY A 477 -15.02 -5.63 -2.64
CA GLY A 477 -13.71 -5.04 -2.45
C GLY A 477 -13.74 -3.53 -2.34
N GLU A 478 -14.94 -2.95 -2.26
CA GLU A 478 -15.06 -1.49 -2.20
C GLU A 478 -14.58 -0.90 -0.87
N THR A 479 -14.52 -1.74 0.16
CA THR A 479 -14.06 -1.30 1.49
C THR A 479 -13.05 -2.30 2.02
N THR A 480 -11.81 -1.84 2.23
CA THR A 480 -10.78 -2.68 2.85
C THR A 480 -10.33 -2.06 4.17
N LEU A 481 -9.94 -2.93 5.10
CA LEU A 481 -9.43 -2.48 6.40
C LEU A 481 -8.20 -3.31 6.70
N THR A 482 -7.06 -2.64 6.89
CA THR A 482 -5.78 -3.30 7.09
C THR A 482 -5.22 -2.88 8.43
N ALA A 483 -4.95 -3.88 9.29
CA ALA A 483 -4.46 -3.65 10.65
C ALA A 483 -3.47 -4.74 11.07
N GLN A 484 -2.29 -4.30 11.53
CA GLN A 484 -1.37 -5.23 12.20
C GLN A 484 -1.92 -5.70 13.54
N ILE A 485 -1.46 -6.88 13.99
CA ILE A 485 -1.77 -7.41 15.33
C ILE A 485 -0.56 -8.22 15.78
N PHE A 486 -0.36 -8.32 17.09
CA PHE A 486 0.82 -9.00 17.63
C PHE A 486 0.43 -10.06 18.69
N PRO A 487 -0.19 -11.17 18.22
CA PRO A 487 -0.73 -12.17 19.13
C PRO A 487 0.31 -13.14 19.66
N SER A 488 0.05 -13.68 20.85
CA SER A 488 0.98 -14.61 21.50
C SER A 488 0.93 -15.95 20.78
N SER A 489 1.82 -16.86 21.14
CA SER A 489 2.01 -18.10 20.37
C SER A 489 0.80 -19.02 20.43
N ASP A 490 0.01 -18.90 21.51
CA ASP A 490 -1.16 -19.77 21.75
C ASP A 490 -2.42 -19.19 21.09
N ALA A 491 -2.27 -18.04 20.43
CA ALA A 491 -3.42 -17.29 19.93
C ALA A 491 -3.80 -17.77 18.53
N VAL A 492 -4.33 -18.98 18.46
CA VAL A 492 -4.57 -19.67 17.18
C VAL A 492 -6.00 -20.20 17.10
N HIS A 493 -6.85 -19.71 18.00
CA HIS A 493 -8.24 -20.15 18.08
C HIS A 493 -9.16 -19.12 17.45
N ALA A 494 -10.37 -19.56 17.11
CA ALA A 494 -11.39 -18.70 16.52
C ALA A 494 -12.79 -19.16 16.91
N ARG A 495 -13.73 -18.23 16.87
CA ARG A 495 -15.15 -18.55 17.02
C ARG A 495 -16.00 -17.46 16.40
N LEU A 496 -17.27 -17.76 16.20
CA LEU A 496 -18.22 -16.77 15.74
C LEU A 496 -18.96 -16.19 16.93
N ALA A 497 -19.35 -14.92 16.79
CA ALA A 497 -20.03 -14.17 17.85
C ALA A 497 -21.22 -13.41 17.30
N SER A 498 -22.40 -13.80 17.78
CA SER A 498 -23.64 -13.10 17.40
C SER A 498 -24.18 -12.37 18.63
N THR A 499 -24.01 -11.04 18.65
CA THR A 499 -24.32 -10.24 19.83
C THR A 499 -25.63 -9.47 19.68
N GLY A 500 -26.48 -9.60 20.69
CA GLY A 500 -27.71 -8.82 20.77
C GLY A 500 -28.89 -9.54 20.10
N GLY A 501 -28.64 -10.73 19.58
CA GLY A 501 -29.66 -11.46 18.83
C GLY A 501 -29.02 -12.47 17.92
N THR A 502 -29.82 -13.06 17.03
CA THR A 502 -29.33 -14.10 16.13
C THR A 502 -28.83 -13.48 14.83
N THR A 503 -28.03 -14.25 14.08
CA THR A 503 -27.59 -13.81 12.75
C THR A 503 -28.14 -14.82 11.74
N GLU A 504 -28.70 -14.30 10.65
CA GLU A 504 -29.43 -15.12 9.69
C GLU A 504 -28.59 -15.42 8.44
N ASP A 505 -28.79 -16.62 7.87
CA ASP A 505 -28.17 -17.05 6.62
C ASP A 505 -26.63 -16.95 6.64
N VAL A 506 -26.02 -17.50 7.70
CA VAL A 506 -24.58 -17.39 7.88
C VAL A 506 -23.87 -18.50 7.12
N ARG A 507 -22.82 -18.13 6.39
CA ARG A 507 -21.86 -19.06 5.82
C ARG A 507 -20.49 -18.64 6.31
N ALA A 508 -19.74 -19.58 6.87
CA ALA A 508 -18.37 -19.32 7.29
C ALA A 508 -17.50 -20.41 6.72
N ASP A 509 -16.41 -20.03 6.06
CA ASP A 509 -15.43 -21.02 5.57
C ASP A 509 -14.02 -20.52 5.86
N ILE A 510 -13.18 -21.40 6.42
CA ILE A 510 -11.79 -21.04 6.75
C ILE A 510 -10.80 -21.90 5.94
N TYR A 511 -9.81 -21.25 5.33
CA TYR A 511 -8.85 -21.94 4.48
C TYR A 511 -7.45 -21.70 4.98
N LYS A 512 -6.70 -22.79 5.18
CA LYS A 512 -5.30 -22.68 5.58
C LYS A 512 -4.48 -22.03 4.46
N ILE A 513 -3.54 -21.18 4.86
CA ILE A 513 -2.55 -20.62 3.93
C ILE A 513 -1.12 -21.05 4.35
N ALA A 514 -0.35 -21.55 3.38
CA ALA A 514 1.02 -21.98 3.62
C ALA A 514 1.99 -20.83 3.39
N SER A 515 3.23 -21.05 3.84
CA SER A 515 4.29 -20.04 3.70
C SER A 515 4.69 -19.87 2.24
N THR A 516 5.02 -18.63 1.86
CA THR A 516 5.59 -18.36 0.54
C THR A 516 7.12 -18.33 0.57
N TRP A 517 7.72 -18.51 1.74
CA TRP A 517 9.18 -18.40 1.88
C TRP A 517 9.85 -19.76 1.68
C1 NAG B . 23.41 3.49 9.35
C2 NAG B . 22.83 3.33 10.76
C3 NAG B . 23.94 3.14 11.80
C4 NAG B . 24.92 2.04 11.39
C5 NAG B . 25.38 2.25 9.95
C6 NAG B . 26.19 1.07 9.42
C7 NAG B . 20.75 4.35 11.48
C8 NAG B . 20.04 5.66 11.73
N2 NAG B . 22.02 4.45 11.15
O3 NAG B . 23.38 2.79 13.04
O4 NAG B . 26.00 2.14 12.28
O5 NAG B . 24.22 2.35 9.13
O6 NAG B . 27.02 1.50 8.36
O7 NAG B . 20.16 3.27 11.58
C1 NAG B . 26.34 0.89 12.90
C2 NAG B . 27.82 0.90 13.33
C3 NAG B . 28.18 -0.35 14.13
C4 NAG B . 27.16 -0.69 15.23
C5 NAG B . 25.73 -0.61 14.65
C6 NAG B . 24.65 -0.76 15.73
C7 NAG B . 29.25 2.09 11.73
C8 NAG B . 30.07 2.02 10.48
N2 NAG B . 28.68 0.96 12.15
O3 NAG B . 29.49 -0.20 14.67
O4 NAG B . 27.37 -2.03 15.67
O5 NAG B . 25.51 0.63 14.01
O6 NAG B . 23.46 -1.25 15.12
O7 NAG B . 29.10 3.15 12.34
C1 MAN B . 28.15 -2.13 16.89
C2 MAN B . 27.66 -3.33 17.69
C3 MAN B . 28.57 -3.65 18.90
C4 MAN B . 30.06 -3.62 18.55
C5 MAN B . 30.37 -2.35 17.75
C6 MAN B . 31.83 -2.30 17.31
O2 MAN B . 27.60 -4.45 16.84
O3 MAN B . 28.29 -4.94 19.37
O4 MAN B . 30.82 -3.64 19.73
O5 MAN B . 29.53 -2.31 16.61
O6 MAN B . 32.02 -1.12 16.58
C1 MAN B . 33.37 -1.04 16.08
C2 MAN B . 33.55 0.39 15.57
C3 MAN B . 32.85 0.60 14.22
C4 MAN B . 33.25 -0.48 13.22
C5 MAN B . 33.05 -1.88 13.80
C6 MAN B . 33.62 -2.94 12.87
O2 MAN B . 34.93 0.70 15.48
O3 MAN B . 33.21 1.84 13.67
O4 MAN B . 32.52 -0.32 12.01
O5 MAN B . 33.69 -1.99 15.07
O6 MAN B . 34.99 -2.68 12.60
C1 MAN B . 32.18 2.83 13.86
C2 MAN B . 32.37 3.91 12.79
C3 MAN B . 33.67 4.68 13.05
C4 MAN B . 33.74 5.17 14.51
C5 MAN B . 33.38 4.06 15.51
C6 MAN B . 33.22 4.62 16.92
O2 MAN B . 31.27 4.79 12.81
O3 MAN B . 33.72 5.76 12.15
O4 MAN B . 35.04 5.65 14.79
O5 MAN B . 32.17 3.41 15.14
O6 MAN B . 33.78 3.72 17.86
C1 NAG C . 7.87 3.03 -28.34
C2 NAG C . 6.75 3.83 -27.65
C3 NAG C . 5.38 3.33 -28.09
C4 NAG C . 5.27 3.21 -29.62
C5 NAG C . 6.54 2.60 -30.25
C6 NAG C . 6.57 2.75 -31.77
C7 NAG C . 6.96 2.90 -25.31
C8 NAG C . 7.47 3.26 -23.94
N2 NAG C . 6.89 3.91 -26.18
O3 NAG C . 4.39 4.21 -27.61
O4 NAG C . 4.15 2.41 -29.93
O5 NAG C . 7.72 3.19 -29.73
O6 NAG C . 7.04 4.02 -32.13
O7 NAG C . 6.64 1.74 -25.56
C1 NAG C . 3.16 3.17 -30.68
C2 NAG C . 2.58 2.27 -31.79
C3 NAG C . 1.36 2.88 -32.48
C4 NAG C . 0.37 3.46 -31.47
C5 NAG C . 1.11 4.39 -30.49
C6 NAG C . 0.17 5.01 -29.45
C7 NAG C . 3.87 0.69 -33.17
C8 NAG C . 4.53 0.53 -34.51
N2 NAG C . 3.60 1.95 -32.78
O3 NAG C . 0.72 1.88 -33.24
O4 NAG C . -0.67 4.15 -32.15
O5 NAG C . 2.14 3.67 -29.83
O6 NAG C . -0.09 4.10 -28.40
O7 NAG C . 3.61 -0.30 -32.49
C1 MAN D . 27.12 -5.16 22.33
C2 MAN D . 27.65 -6.60 22.36
C3 MAN D . 27.41 -7.33 21.03
C4 MAN D . 26.00 -7.11 20.48
C5 MAN D . 25.65 -5.62 20.52
C6 MAN D . 24.24 -5.34 19.99
O2 MAN D . 27.03 -7.29 23.42
O3 MAN D . 27.66 -8.72 21.16
O4 MAN D . 25.94 -7.60 19.16
O5 MAN D . 25.79 -5.13 21.84
O6 MAN D . 24.35 -4.86 18.68
C1 NAG E . -7.01 -16.68 29.75
C2 NAG E . -7.04 -16.13 31.18
C3 NAG E . -5.76 -15.37 31.47
C4 NAG E . -4.54 -16.23 31.19
C5 NAG E . -4.60 -16.84 29.79
C6 NAG E . -3.48 -17.88 29.62
C7 NAG E . -9.22 -15.59 32.14
C8 NAG E . -10.12 -14.48 32.59
N2 NAG E . -8.17 -15.24 31.39
O3 NAG E . -5.79 -14.95 32.81
O4 NAG E . -3.37 -15.46 31.35
O5 NAG E . -5.85 -17.48 29.56
O6 NAG E . -3.28 -18.23 28.26
O7 NAG E . -9.47 -16.76 32.44
C1 NAG F . -8.71 22.36 8.20
C2 NAG F . -7.42 23.15 8.32
C3 NAG F . -7.29 23.76 9.73
C4 NAG F . -8.55 24.51 10.12
C5 NAG F . -9.80 23.68 9.83
C6 NAG F . -11.07 24.48 10.05
C7 NAG F . -5.36 22.61 7.06
C8 NAG F . -4.18 21.71 6.94
N2 NAG F . -6.25 22.31 8.02
O3 NAG F . -6.20 24.64 9.79
O4 NAG F . -8.48 24.81 11.50
O5 NAG F . -9.79 23.24 8.48
O6 NAG F . -12.16 23.59 9.97
O7 NAG F . -5.47 23.58 6.30
C1 NAG G . -16.73 -27.78 22.05
C2 NAG G . -17.79 -28.19 23.09
C3 NAG G . -17.23 -29.18 24.14
C4 NAG G . -16.46 -30.34 23.51
C5 NAG G . -15.50 -29.82 22.45
C6 NAG G . -14.85 -30.93 21.63
C7 NAG G . -18.10 -26.39 24.78
C8 NAG G . -18.81 -26.62 26.08
N2 NAG G . -18.52 -27.09 23.72
O3 NAG G . -18.29 -29.68 24.93
O4 NAG G . -15.75 -31.07 24.51
O5 NAG G . -16.26 -29.02 21.56
O6 NAG G . -15.79 -31.50 20.74
O7 NAG G . -17.16 -25.59 24.70
C1 GOL H . 10.11 10.17 3.01
O1 GOL H . 10.41 10.90 4.19
C2 GOL H . 10.28 8.66 3.22
O2 GOL H . 9.65 8.27 4.42
C3 GOL H . 11.78 8.36 3.28
O3 GOL H . 12.02 7.01 3.57
C1 GOL I . 5.74 11.37 6.75
O1 GOL I . 6.08 12.48 7.56
C2 GOL I . 6.76 10.26 6.93
O2 GOL I . 7.51 10.40 8.11
C3 GOL I . 7.71 10.24 5.74
O3 GOL I . 8.14 11.54 5.41
C1 GOL J . -19.12 -2.00 16.13
O1 GOL J . -19.93 -0.98 15.60
C2 GOL J . -18.45 -1.56 17.42
O2 GOL J . -17.87 -0.30 17.24
C3 GOL J . -17.36 -2.55 17.76
O3 GOL J . -17.75 -3.26 18.90
C1 GOL K . -36.17 -22.28 9.89
O1 GOL K . -36.04 -22.25 8.48
C2 GOL K . -36.34 -20.88 10.49
O2 GOL K . -36.94 -19.99 9.56
C3 GOL K . -35.02 -20.28 10.99
O3 GOL K . -34.17 -21.24 11.59
#